data_1TG8
#
_entry.id   1TG8
#
_cell.length_a   71.919
_cell.length_b   71.919
_cell.length_c   140.856
_cell.angle_alpha   90
_cell.angle_beta   90
_cell.angle_gamma   120
#
_symmetry.space_group_name_H-M   'P 32 2 1'
#
loop_
_entity.id
_entity.type
_entity.pdbx_description
1 polymer 'envelope glycoprotein'
2 non-polymer 2-acetamido-2-deoxy-alpha-D-glucopyranose
3 water water
#
_entity_poly.entity_id   1
_entity_poly.type   'polypeptide(L)'
_entity_poly.pdbx_seq_one_letter_code
;MRCIGISNRDFVEGVSGGSWVDIVLEHGSCVTTMAKNKPTLDFELIKTEAKQPATLRKYCIEAKLTNTTTDSRCPTQGEP
TLNEEQDKRFVCKHSMVDRGWGNGCGLFGKGGIVTCAMFTCKKNMEGKIVQPENLEYTVVITPHSGEEHAVGNDTGKHGK
EVKITPQSSITEAELTGYGTVTMECSPRTGLDFNEMVLLQMKDKAWLVHRQWFLDLPLPWLPGADTQGSNWIQKETLVTF
KNPHAKKQDVVVLGSQEGAMHTALTGATEIQMSSGNLLFTGHLKCRLRMDKLQLKGMSYSMCTGKFKVVKEIAETQHGTI
VIRVQYEGDGSPCKIPFEIMDLEKRHVLGRLITVNPIVTEKDSPVNIEAEPPFGDSYIIIGVEPGQLKLDWFKKG
;
_entity_poly.pdbx_strand_id   A
#
loop_
_chem_comp.id
_chem_comp.type
_chem_comp.name
_chem_comp.formula
NDG D-saccharide, alpha linking 2-acetamido-2-deoxy-alpha-D-glucopyranose 'C8 H15 N O6'
#
# COMPACT_ATOMS: atom_id res chain seq x y z
N MET A 1 3.00 8.56 -19.03
CA MET A 1 3.00 7.31 -19.79
C MET A 1 3.44 6.13 -18.93
N ARG A 2 3.23 6.30 -17.62
CA ARG A 2 3.58 5.35 -16.60
C ARG A 2 2.71 4.13 -16.62
N CYS A 3 1.46 4.22 -17.09
CA CYS A 3 0.61 3.02 -17.09
C CYS A 3 0.97 2.02 -18.15
N ILE A 4 1.68 2.48 -19.16
CA ILE A 4 2.05 1.55 -20.23
C ILE A 4 2.94 0.45 -19.70
N GLY A 5 2.40 -0.84 -19.70
CA GLY A 5 3.34 -1.93 -19.47
C GLY A 5 2.76 -2.97 -18.53
N ILE A 6 1.91 -2.30 -17.68
CA ILE A 6 1.03 -2.64 -16.54
C ILE A 6 -0.20 -3.33 -17.03
N SER A 7 -0.49 -4.45 -16.42
CA SER A 7 -1.65 -5.20 -16.85
C SER A 7 -2.95 -4.66 -16.25
N ASN A 8 -3.00 -4.38 -14.96
CA ASN A 8 -4.20 -3.78 -14.38
C ASN A 8 -4.15 -2.31 -14.64
N ARG A 9 -4.59 -1.94 -15.83
CA ARG A 9 -4.67 -0.57 -16.33
C ARG A 9 -6.10 -0.31 -16.66
N ASP A 10 -6.43 0.90 -16.78
CA ASP A 10 -7.81 1.10 -17.00
C ASP A 10 -8.01 2.26 -17.89
N PHE A 11 -8.61 2.03 -19.06
CA PHE A 11 -8.84 3.18 -19.95
C PHE A 11 -10.16 3.90 -19.74
N VAL A 12 -10.10 5.19 -19.43
CA VAL A 12 -11.28 5.99 -19.18
C VAL A 12 -11.29 7.23 -20.06
N GLU A 13 -12.31 7.41 -20.89
CA GLU A 13 -12.45 8.58 -21.81
C GLU A 13 -13.40 9.70 -21.24
N GLY A 14 -12.91 10.96 -21.06
CA GLY A 14 -13.63 12.13 -20.54
C GLY A 14 -14.73 12.61 -21.47
N VAL A 15 -15.51 13.61 -21.07
CA VAL A 15 -16.56 14.08 -21.99
C VAL A 15 -16.22 15.43 -22.63
N SER A 16 -17.18 16.33 -22.77
CA SER A 16 -16.85 17.59 -23.42
C SER A 16 -17.52 18.79 -22.78
N SER A 19 -13.71 18.92 -18.90
CA SER A 19 -14.93 18.68 -18.17
C SER A 19 -14.70 17.63 -17.10
N TRP A 20 -15.75 16.83 -16.83
CA TRP A 20 -15.65 15.81 -15.79
C TRP A 20 -15.45 14.37 -16.27
N VAL A 21 -14.73 13.69 -15.43
CA VAL A 21 -14.35 12.32 -15.58
C VAL A 21 -14.29 11.62 -14.27
N ASP A 22 -14.73 10.40 -14.35
CA ASP A 22 -14.76 9.52 -13.22
C ASP A 22 -13.68 8.46 -13.30
N ILE A 23 -12.94 8.25 -12.20
CA ILE A 23 -11.93 7.20 -12.18
C ILE A 23 -11.79 6.53 -10.80
N VAL A 24 -11.29 5.30 -10.80
CA VAL A 24 -11.09 4.55 -9.57
C VAL A 24 -9.65 4.07 -9.50
N LEU A 25 -9.00 4.40 -8.38
CA LEU A 25 -7.62 4.03 -8.18
C LEU A 25 -7.48 3.03 -7.06
N GLU A 26 -6.45 2.20 -7.14
CA GLU A 26 -6.16 1.23 -6.09
C GLU A 26 -4.73 0.77 -6.30
N HIS A 27 -4.02 0.49 -5.20
CA HIS A 27 -2.63 0.05 -5.31
C HIS A 27 -2.53 -1.05 -6.35
N GLY A 28 -1.57 -0.92 -7.26
CA GLY A 28 -1.37 -1.91 -8.30
C GLY A 28 -2.13 -1.64 -9.59
N SER A 29 -3.16 -0.81 -9.53
CA SER A 29 -3.94 -0.50 -10.71
C SER A 29 -3.48 0.83 -11.22
N CYS A 30 -3.80 1.14 -12.47
CA CYS A 30 -3.38 2.38 -13.12
C CYS A 30 -4.50 2.83 -14.04
N VAL A 31 -4.66 4.12 -14.20
CA VAL A 31 -5.68 4.58 -15.12
C VAL A 31 -5.16 5.58 -16.13
N THR A 32 -5.64 5.46 -17.35
CA THR A 32 -5.27 6.38 -18.42
C THR A 32 -6.55 7.08 -18.81
N THR A 33 -6.54 8.41 -18.72
CA THR A 33 -7.71 9.21 -19.04
C THR A 33 -7.56 9.94 -20.33
N MET A 34 -8.68 10.06 -21.03
CA MET A 34 -8.69 10.74 -22.29
C MET A 34 -9.92 11.60 -22.35
N ALA A 35 -9.73 12.80 -22.91
CA ALA A 35 -10.77 13.80 -22.99
C ALA A 35 -10.92 14.67 -24.22
N LYS A 36 -10.17 14.47 -25.29
CA LYS A 36 -10.46 15.29 -26.47
C LYS A 36 -10.14 16.78 -26.33
N ASN A 37 -9.18 17.23 -27.11
CA ASN A 37 -8.73 18.59 -27.06
C ASN A 37 -8.03 18.79 -25.74
N LYS A 38 -7.98 17.68 -25.01
CA LYS A 38 -7.24 17.57 -23.78
C LYS A 38 -6.20 16.45 -23.72
N PRO A 39 -5.13 16.70 -22.95
CA PRO A 39 -4.01 15.76 -22.77
C PRO A 39 -4.37 14.39 -22.24
N THR A 40 -3.63 13.37 -22.58
CA THR A 40 -3.91 12.08 -22.01
C THR A 40 -3.13 11.99 -20.72
N LEU A 41 -3.75 11.45 -19.68
CA LEU A 41 -3.08 11.36 -18.41
C LEU A 41 -3.14 10.01 -17.76
N ASP A 42 -2.03 9.64 -17.13
CA ASP A 42 -1.91 8.40 -16.40
C ASP A 42 -2.05 8.73 -14.93
N PHE A 43 -2.82 7.89 -14.24
CA PHE A 43 -3.07 8.07 -12.82
C PHE A 43 -2.71 6.83 -12.06
N GLU A 44 -2.01 7.01 -10.95
CA GLU A 44 -1.66 5.87 -10.11
C GLU A 44 -1.51 6.25 -8.62
N LEU A 45 -2.19 5.46 -7.79
CA LEU A 45 -2.18 5.61 -6.35
C LEU A 45 -0.92 4.93 -5.90
N ILE A 46 0.01 5.76 -5.45
CA ILE A 46 1.33 5.31 -5.05
C ILE A 46 1.51 4.98 -3.55
N LYS A 47 0.87 5.78 -2.68
CA LYS A 47 0.84 5.60 -1.21
C LYS A 47 -0.50 5.89 -0.56
N THR A 48 -0.57 5.43 0.69
CA THR A 48 -1.68 5.64 1.63
C THR A 48 -1.02 5.79 3.02
N GLU A 49 -1.13 6.98 3.60
CA GLU A 49 -0.52 7.21 4.90
C GLU A 49 -1.53 7.47 6.00
N ALA A 50 -1.25 6.89 7.15
CA ALA A 50 -2.08 7.05 8.35
C ALA A 50 -1.36 8.07 9.20
N LYS A 51 -1.98 9.22 9.42
CA LYS A 51 -1.30 10.26 10.19
C LYS A 51 -1.59 10.13 11.69
N GLN A 52 -0.84 9.21 12.32
CA GLN A 52 -0.93 8.90 13.76
C GLN A 52 -2.34 8.53 14.26
N PRO A 53 -2.83 7.37 13.82
CA PRO A 53 -4.13 6.83 14.22
C PRO A 53 -4.29 6.69 15.74
N ALA A 54 -4.73 5.51 16.19
CA ALA A 54 -4.97 5.26 17.60
C ALA A 54 -4.79 3.77 17.99
N THR A 55 -4.30 3.58 19.20
CA THR A 55 -4.07 2.25 19.66
C THR A 55 -5.27 1.75 20.45
N LEU A 56 -6.02 0.79 19.90
CA LEU A 56 -7.14 0.24 20.65
C LEU A 56 -6.56 -0.55 21.80
N ARG A 57 -5.55 -1.35 21.51
CA ARG A 57 -4.92 -2.15 22.54
C ARG A 57 -3.53 -2.57 22.09
N LYS A 58 -2.71 -3.01 23.05
CA LYS A 58 -1.36 -3.46 22.78
C LYS A 58 -1.20 -4.84 23.41
N TYR A 59 -0.70 -5.81 22.63
CA TYR A 59 -0.51 -7.19 23.12
C TYR A 59 0.96 -7.64 23.23
N CYS A 60 1.29 -8.22 24.37
CA CYS A 60 2.63 -8.73 24.58
C CYS A 60 2.68 -10.11 23.97
N ILE A 61 3.63 -10.34 23.07
CA ILE A 61 3.74 -11.64 22.43
C ILE A 61 5.02 -12.39 22.81
N GLU A 62 5.83 -11.81 23.68
CA GLU A 62 7.03 -12.47 24.14
C GLU A 62 7.38 -11.84 25.48
N ALA A 63 7.52 -12.68 26.50
CA ALA A 63 7.84 -12.19 27.84
C ALA A 63 9.09 -12.79 28.46
N LYS A 64 9.41 -12.22 29.63
CA LYS A 64 10.56 -12.53 30.46
C LYS A 64 9.92 -13.04 31.75
N LEU A 65 10.76 -13.44 32.69
CA LEU A 65 10.34 -13.91 34.00
C LEU A 65 11.64 -13.88 34.76
N THR A 66 11.72 -12.97 35.70
CA THR A 66 12.93 -12.79 36.47
C THR A 66 12.60 -12.32 37.87
N ASN A 67 13.68 -12.14 38.63
CA ASN A 67 13.63 -11.67 40.00
C ASN A 67 12.64 -12.41 40.87
N THR A 68 12.68 -13.74 40.75
CA THR A 68 11.81 -14.67 41.48
C THR A 68 12.04 -14.63 42.98
N THR A 69 10.94 -14.50 43.70
CA THR A 69 10.98 -14.45 45.14
C THR A 69 9.93 -15.42 45.67
N THR A 70 9.95 -15.66 46.99
CA THR A 70 9.02 -16.57 47.62
C THR A 70 9.00 -16.44 49.16
N ASP A 71 7.84 -16.72 49.75
CA ASP A 71 7.66 -16.66 51.20
C ASP A 71 6.94 -17.92 51.57
N SER A 72 7.59 -18.76 52.35
CA SER A 72 7.03 -20.03 52.76
C SER A 72 6.90 -20.21 54.26
N ARG A 73 5.67 -20.40 54.73
CA ARG A 73 5.40 -20.57 56.14
C ARG A 73 5.54 -22.03 56.62
N CYS A 74 5.72 -22.19 57.93
CA CYS A 74 5.82 -23.49 58.58
C CYS A 74 4.41 -23.99 58.81
N PRO A 75 4.21 -25.32 58.82
CA PRO A 75 2.90 -25.96 59.04
C PRO A 75 1.94 -25.18 59.92
N THR A 76 2.50 -24.58 60.96
CA THR A 76 1.74 -23.79 61.92
C THR A 76 1.56 -22.32 61.54
N GLN A 77 2.67 -21.66 61.22
CA GLN A 77 2.74 -20.26 60.85
C GLN A 77 1.68 -19.64 59.94
N GLY A 78 0.71 -20.42 59.48
CA GLY A 78 -0.33 -19.84 58.65
C GLY A 78 -0.06 -19.54 57.16
N GLU A 79 -0.57 -18.40 56.69
CA GLU A 79 -0.45 -18.00 55.28
C GLU A 79 0.78 -17.19 54.86
N PRO A 80 1.27 -17.55 53.67
CA PRO A 80 2.40 -16.82 53.02
C PRO A 80 2.08 -15.39 52.60
N THR A 81 3.11 -14.53 52.46
CA THR A 81 2.89 -13.12 52.10
C THR A 81 4.15 -12.51 51.51
N LEU A 82 3.97 -11.90 50.36
CA LEU A 82 5.06 -11.24 49.67
C LEU A 82 4.57 -9.90 49.22
N ASN A 83 5.35 -8.88 49.51
CA ASN A 83 4.98 -7.55 49.11
C ASN A 83 4.91 -7.47 47.61
N GLU A 84 5.56 -8.42 46.95
CA GLU A 84 5.54 -8.50 45.49
C GLU A 84 4.10 -8.75 45.02
N GLU A 85 3.28 -9.31 45.92
CA GLU A 85 1.89 -9.60 45.61
C GLU A 85 1.10 -8.33 45.30
N GLN A 86 1.70 -7.17 45.57
CA GLN A 86 1.04 -5.91 45.28
C GLN A 86 1.65 -5.25 44.07
N ASP A 87 2.93 -5.54 43.83
CA ASP A 87 3.61 -5.00 42.66
C ASP A 87 2.88 -5.62 41.49
N LYS A 88 2.22 -4.80 40.69
CA LYS A 88 1.48 -5.31 39.58
C LYS A 88 2.37 -5.77 38.44
N ARG A 89 3.68 -5.71 38.63
CA ARG A 89 4.59 -6.18 37.59
C ARG A 89 4.87 -7.65 37.87
N PHE A 90 4.52 -8.10 39.06
CA PHE A 90 4.78 -9.47 39.43
C PHE A 90 3.57 -10.33 39.21
N VAL A 91 3.83 -11.59 38.96
CA VAL A 91 2.79 -12.59 38.77
C VAL A 91 2.97 -13.58 39.94
N CYS A 92 1.90 -13.94 40.63
CA CYS A 92 2.04 -14.83 41.78
C CYS A 92 1.04 -16.00 41.84
N LYS A 93 1.38 -16.97 42.69
CA LYS A 93 0.56 -18.15 42.88
C LYS A 93 0.86 -18.90 44.18
N HIS A 94 -0.18 -19.18 44.95
CA HIS A 94 -0.04 -19.93 46.22
C HIS A 94 -0.07 -21.44 45.99
N SER A 95 0.67 -22.15 46.84
CA SER A 95 0.78 -23.59 46.80
C SER A 95 1.21 -24.06 48.17
N MET A 96 1.19 -25.37 48.42
CA MET A 96 1.62 -25.92 49.70
C MET A 96 2.86 -26.83 49.46
N VAL A 97 3.69 -26.97 50.47
CA VAL A 97 4.88 -27.82 50.35
C VAL A 97 5.13 -28.47 51.70
N ASP A 98 5.76 -29.64 51.66
CA ASP A 98 6.04 -30.36 52.88
C ASP A 98 7.07 -29.61 53.69
N ARG A 99 6.83 -29.54 55.00
CA ARG A 99 7.77 -28.87 55.90
C ARG A 99 8.06 -29.78 57.10
N GLY A 100 9.20 -29.55 57.75
CA GLY A 100 9.57 -30.33 58.92
C GLY A 100 10.94 -29.94 59.44
N TRP A 101 11.41 -30.62 60.46
CA TRP A 101 12.71 -30.35 61.05
C TRP A 101 13.81 -30.21 59.97
N GLY A 102 13.73 -31.05 58.93
CA GLY A 102 14.71 -31.04 57.87
C GLY A 102 14.85 -29.77 57.07
N ASN A 103 13.83 -28.94 57.10
CA ASN A 103 13.92 -27.68 56.36
C ASN A 103 13.56 -26.44 57.18
N GLY A 104 13.59 -26.52 58.49
CA GLY A 104 13.34 -25.34 59.29
C GLY A 104 12.01 -25.18 59.99
N CYS A 105 11.39 -26.26 60.42
CA CYS A 105 10.14 -26.15 61.15
C CYS A 105 10.15 -27.14 62.31
N GLY A 106 9.50 -26.81 63.40
CA GLY A 106 9.48 -27.70 64.54
C GLY A 106 8.41 -28.73 64.27
N LEU A 107 7.42 -28.31 63.48
CA LEU A 107 6.32 -29.18 63.16
C LEU A 107 6.51 -29.84 61.82
N PHE A 108 5.65 -30.80 61.54
CA PHE A 108 5.66 -31.55 60.29
C PHE A 108 4.31 -31.34 59.65
N GLY A 109 4.31 -31.14 58.33
CA GLY A 109 3.07 -30.93 57.61
C GLY A 109 3.21 -29.99 56.43
N LYS A 110 2.10 -29.64 55.82
CA LYS A 110 2.11 -28.75 54.68
C LYS A 110 2.22 -27.35 55.22
N GLY A 111 3.16 -26.59 54.67
CA GLY A 111 3.34 -25.20 55.05
C GLY A 111 2.99 -24.51 53.77
N GLY A 112 2.39 -23.34 53.84
CA GLY A 112 2.05 -22.66 52.61
C GLY A 112 3.19 -21.89 52.00
N ILE A 113 3.12 -21.69 50.69
CA ILE A 113 4.10 -20.90 49.97
C ILE A 113 3.38 -20.01 48.98
N VAL A 114 4.12 -19.03 48.50
CA VAL A 114 3.63 -18.11 47.50
C VAL A 114 4.88 -17.68 46.77
N THR A 115 4.89 -17.94 45.47
CA THR A 115 5.99 -17.61 44.61
C THR A 115 5.54 -16.49 43.68
N CYS A 116 6.43 -15.53 43.44
CA CYS A 116 6.12 -14.40 42.56
C CYS A 116 7.35 -14.16 41.68
N ALA A 117 7.13 -13.59 40.51
CA ALA A 117 8.21 -13.28 39.59
C ALA A 117 7.80 -12.10 38.72
N MET A 118 8.73 -11.19 38.50
CA MET A 118 8.47 -10.02 37.70
C MET A 118 8.33 -10.42 36.23
N PHE A 119 7.26 -9.94 35.63
CA PHE A 119 6.95 -10.21 34.23
C PHE A 119 7.45 -9.04 33.44
N THR A 120 8.11 -9.31 32.33
CA THR A 120 8.62 -8.23 31.49
C THR A 120 8.34 -8.57 30.03
N CYS A 121 7.76 -7.63 29.32
CA CYS A 121 7.45 -7.86 27.92
C CYS A 121 8.70 -7.62 27.05
N LYS A 122 9.05 -8.59 26.21
CA LYS A 122 10.20 -8.45 25.31
C LYS A 122 9.78 -7.87 23.97
N LYS A 123 8.74 -8.46 23.37
CA LYS A 123 8.28 -8.00 22.06
C LYS A 123 6.75 -7.88 22.01
N ASN A 124 6.23 -6.91 21.26
CA ASN A 124 4.77 -6.71 21.17
C ASN A 124 4.21 -6.33 19.81
N MET A 125 2.88 -6.35 19.73
CA MET A 125 2.11 -5.98 18.56
C MET A 125 1.02 -5.01 19.04
N GLU A 126 0.56 -4.13 18.16
CA GLU A 126 -0.45 -3.14 18.49
C GLU A 126 -1.62 -3.21 17.55
N GLY A 127 -2.80 -2.91 18.06
CA GLY A 127 -4.00 -2.89 17.25
C GLY A 127 -4.37 -1.44 17.08
N LYS A 128 -4.64 -1.01 15.86
CA LYS A 128 -4.96 0.39 15.64
C LYS A 128 -6.31 0.60 14.97
N ILE A 129 -6.94 1.71 15.30
CA ILE A 129 -8.22 2.02 14.70
C ILE A 129 -8.02 3.01 13.58
N VAL A 130 -8.37 2.49 12.41
CA VAL A 130 -8.29 3.16 11.12
C VAL A 130 -9.56 3.87 10.57
N GLN A 131 -9.33 5.06 10.00
CA GLN A 131 -10.38 5.91 9.45
C GLN A 131 -10.06 6.31 8.03
N PRO A 132 -10.68 5.69 6.97
CA PRO A 132 -10.28 6.21 5.65
C PRO A 132 -10.25 7.75 5.68
N GLU A 133 -11.42 8.40 5.66
CA GLU A 133 -11.52 9.86 5.73
C GLU A 133 -10.21 10.56 6.03
N ASN A 134 -9.71 10.25 7.22
CA ASN A 134 -8.49 10.81 7.77
C ASN A 134 -7.16 10.25 7.23
N LEU A 135 -7.18 9.33 6.26
CA LEU A 135 -5.91 8.80 5.71
C LEU A 135 -5.48 9.78 4.66
N GLU A 136 -4.21 9.76 4.28
CA GLU A 136 -3.73 10.70 3.31
C GLU A 136 -3.24 9.89 2.14
N TYR A 137 -3.73 10.23 0.96
CA TYR A 137 -3.36 9.48 -0.22
C TYR A 137 -2.44 10.22 -1.16
N THR A 138 -1.48 9.51 -1.72
CA THR A 138 -0.55 10.12 -2.66
C THR A 138 -0.76 9.50 -4.06
N VAL A 139 -1.06 10.38 -5.02
CA VAL A 139 -1.31 9.97 -6.39
C VAL A 139 -0.39 10.64 -7.40
N VAL A 140 0.06 9.86 -8.37
CA VAL A 140 0.96 10.37 -9.37
C VAL A 140 0.26 10.54 -10.70
N ILE A 141 0.35 11.74 -11.26
CA ILE A 141 -0.26 12.00 -12.55
C ILE A 141 0.93 12.16 -13.51
N THR A 142 0.88 11.41 -14.60
CA THR A 142 1.92 11.41 -15.60
C THR A 142 1.33 11.61 -16.97
N PRO A 143 1.35 12.85 -17.48
CA PRO A 143 0.80 13.17 -18.82
C PRO A 143 1.53 12.47 -19.96
N HIS A 144 0.79 12.04 -20.98
CA HIS A 144 1.40 11.39 -22.14
C HIS A 144 2.10 12.42 -23.01
N SER A 145 3.25 12.87 -22.54
CA SER A 145 4.05 13.86 -23.24
C SER A 145 4.78 13.23 -24.42
N GLY A 146 5.12 11.94 -24.30
CA GLY A 146 5.83 11.22 -25.33
C GLY A 146 7.34 11.32 -25.18
N GLU A 147 7.79 11.77 -24.02
CA GLU A 147 9.21 11.92 -23.72
C GLU A 147 9.98 10.61 -23.88
N GLU A 148 11.16 10.68 -24.52
CA GLU A 148 12.01 9.52 -24.79
C GLU A 148 12.09 8.46 -23.70
N HIS A 149 11.88 8.86 -22.45
CA HIS A 149 11.96 7.89 -21.36
C HIS A 149 10.67 7.76 -20.52
N ALA A 150 9.61 8.44 -20.95
CA ALA A 150 8.33 8.43 -20.26
C ALA A 150 7.70 7.03 -20.05
N VAL A 151 7.55 6.26 -21.13
CA VAL A 151 6.93 4.94 -21.09
C VAL A 151 7.15 4.03 -19.89
N GLY A 152 6.10 3.89 -19.08
CA GLY A 152 6.15 3.04 -17.91
C GLY A 152 7.27 3.34 -16.92
N ASN A 153 7.76 4.58 -16.93
CA ASN A 153 8.83 4.94 -16.03
C ASN A 153 8.37 5.02 -14.57
N ASP A 154 8.72 3.99 -13.80
CA ASP A 154 8.37 3.90 -12.39
C ASP A 154 9.48 4.60 -11.63
N THR A 155 9.39 5.93 -11.57
CA THR A 155 10.40 6.72 -10.89
C THR A 155 9.80 8.01 -10.35
N GLY A 156 8.73 8.45 -10.99
CA GLY A 156 8.04 9.64 -10.54
C GLY A 156 8.54 10.98 -11.04
N LYS A 157 9.64 11.03 -11.77
CA LYS A 157 10.07 12.34 -12.22
C LYS A 157 9.34 12.85 -13.45
N HIS A 158 8.58 11.96 -14.08
CA HIS A 158 7.80 12.34 -15.24
C HIS A 158 6.45 12.84 -14.77
N GLY A 159 6.15 12.65 -13.50
CA GLY A 159 4.87 13.08 -13.02
C GLY A 159 4.86 13.91 -11.78
N LYS A 160 3.66 14.42 -11.49
CA LYS A 160 3.41 15.24 -10.32
C LYS A 160 2.85 14.27 -9.31
N GLU A 161 3.20 14.53 -8.06
CA GLU A 161 2.75 13.71 -6.95
C GLU A 161 1.72 14.59 -6.30
N VAL A 162 0.56 14.03 -6.01
CA VAL A 162 -0.47 14.81 -5.36
C VAL A 162 -0.92 14.07 -4.13
N LYS A 163 -1.18 14.83 -3.07
CA LYS A 163 -1.65 14.26 -1.80
C LYS A 163 -3.12 14.62 -1.73
N ILE A 164 -3.97 13.63 -1.52
CA ILE A 164 -5.40 13.91 -1.40
C ILE A 164 -5.76 13.71 0.05
N THR A 165 -5.91 14.84 0.70
CA THR A 165 -6.27 14.78 2.09
C THR A 165 -7.76 14.49 2.24
N PRO A 166 -8.22 13.26 2.64
CA PRO A 166 -9.64 13.28 2.89
C PRO A 166 -9.84 14.47 3.77
N GLN A 167 -9.01 14.71 4.77
CA GLN A 167 -9.44 15.93 5.36
C GLN A 167 -8.42 16.90 5.90
N SER A 168 -8.63 17.73 4.95
CA SER A 168 -8.34 18.95 4.28
C SER A 168 -9.11 18.46 3.08
N SER A 169 -9.35 19.21 2.02
CA SER A 169 -10.07 18.53 0.95
C SER A 169 -9.99 19.24 -0.40
N ILE A 170 -10.24 18.45 -1.40
CA ILE A 170 -10.16 18.83 -2.81
C ILE A 170 -8.78 19.40 -3.21
N THR A 171 -8.02 18.55 -3.88
CA THR A 171 -6.68 18.86 -4.37
C THR A 171 -6.71 19.46 -5.77
N GLU A 172 -5.76 20.36 -6.03
CA GLU A 172 -5.63 20.99 -7.34
C GLU A 172 -4.22 20.67 -7.85
N ALA A 173 -4.05 20.60 -9.18
CA ALA A 173 -2.73 20.25 -9.70
C ALA A 173 -2.16 21.09 -10.83
N GLU A 174 -0.85 21.30 -10.72
CA GLU A 174 -0.10 22.06 -11.69
C GLU A 174 0.55 21.09 -12.67
N LEU A 175 -0.02 20.98 -13.86
CA LEU A 175 0.57 20.12 -14.85
C LEU A 175 1.34 21.00 -15.80
N THR A 176 2.59 21.29 -15.42
CA THR A 176 3.49 22.16 -16.16
C THR A 176 3.42 22.08 -17.67
N GLY A 177 3.12 23.23 -18.29
CA GLY A 177 3.01 23.31 -19.74
C GLY A 177 1.66 22.87 -20.24
N TYR A 178 0.88 22.24 -19.35
CA TYR A 178 -0.43 21.72 -19.67
C TYR A 178 -1.57 22.40 -18.92
N GLY A 179 -1.22 23.11 -17.87
CA GLY A 179 -2.26 23.79 -17.12
C GLY A 179 -2.52 23.22 -15.75
N THR A 180 -3.79 23.15 -15.41
CA THR A 180 -4.16 22.65 -14.11
C THR A 180 -5.32 21.68 -14.19
N VAL A 181 -5.32 20.72 -13.29
CA VAL A 181 -6.39 19.74 -13.20
C VAL A 181 -6.83 19.70 -11.74
N THR A 182 -8.00 19.13 -11.49
CA THR A 182 -8.56 19.07 -10.14
C THR A 182 -9.02 17.68 -9.74
N MET A 183 -8.98 17.42 -8.44
CA MET A 183 -9.40 16.11 -7.95
C MET A 183 -10.27 16.13 -6.70
N GLU A 184 -11.24 15.22 -6.67
CA GLU A 184 -12.14 15.10 -5.53
C GLU A 184 -12.50 13.65 -5.35
N CYS A 185 -11.74 12.96 -4.51
CA CYS A 185 -11.96 11.54 -4.28
C CYS A 185 -12.77 11.14 -3.06
N SER A 186 -13.13 9.86 -3.05
CA SER A 186 -13.90 9.28 -1.98
C SER A 186 -13.29 7.94 -1.59
N PRO A 187 -12.82 7.82 -0.33
CA PRO A 187 -12.22 6.53 0.07
C PRO A 187 -13.31 5.48 0.09
N ARG A 188 -13.15 4.49 -0.77
CA ARG A 188 -14.11 3.43 -0.86
C ARG A 188 -13.57 2.18 -0.20
N THR A 189 -14.30 1.07 -0.29
CA THR A 189 -13.91 -0.22 0.26
C THR A 189 -15.09 -1.02 0.76
N GLY A 190 -14.97 -2.34 0.58
CA GLY A 190 -15.98 -3.23 1.08
C GLY A 190 -15.47 -3.29 2.50
N LEU A 191 -15.44 -4.47 3.10
CA LEU A 191 -14.87 -4.60 4.43
C LEU A 191 -15.24 -3.43 5.34
N ASP A 192 -16.23 -3.60 6.20
CA ASP A 192 -16.54 -2.48 7.07
C ASP A 192 -15.32 -2.21 7.92
N PHE A 193 -14.88 -0.96 7.93
CA PHE A 193 -13.72 -0.58 8.69
C PHE A 193 -13.90 -0.35 10.17
N ASN A 194 -15.08 0.06 10.62
CA ASN A 194 -15.18 0.28 12.05
C ASN A 194 -15.44 -0.97 12.84
N GLU A 195 -15.28 -2.10 12.18
CA GLU A 195 -15.44 -3.39 12.83
C GLU A 195 -14.19 -4.18 12.56
N MET A 196 -13.21 -3.48 12.01
CA MET A 196 -11.92 -4.07 11.68
C MET A 196 -10.83 -3.32 12.45
N VAL A 197 -9.63 -3.89 12.48
CA VAL A 197 -8.53 -3.26 13.17
C VAL A 197 -7.21 -3.51 12.44
N LEU A 198 -6.35 -2.50 12.43
CA LEU A 198 -5.06 -2.67 11.82
C LEU A 198 -4.12 -3.25 12.88
N LEU A 199 -3.71 -4.50 12.68
CA LEU A 199 -2.81 -5.14 13.63
C LEU A 199 -1.37 -5.13 13.09
N GLN A 200 -0.48 -4.49 13.83
CA GLN A 200 0.92 -4.40 13.41
C GLN A 200 1.90 -5.24 14.19
N MET A 201 2.71 -6.02 13.49
CA MET A 201 3.71 -6.84 14.16
C MET A 201 5.02 -6.57 13.46
N LYS A 202 5.65 -5.47 13.84
CA LYS A 202 6.89 -5.12 13.22
C LYS A 202 6.60 -4.54 11.85
N ASP A 203 7.17 -5.18 10.84
CA ASP A 203 7.00 -4.74 9.46
C ASP A 203 5.68 -5.16 8.85
N LYS A 204 5.09 -6.21 9.39
CA LYS A 204 3.87 -6.82 8.87
C LYS A 204 2.66 -6.14 9.51
N ALA A 205 1.48 -6.37 8.93
CA ALA A 205 0.23 -5.80 9.45
C ALA A 205 -0.97 -6.20 8.61
N TRP A 206 -1.99 -6.69 9.30
CA TRP A 206 -3.22 -7.13 8.67
C TRP A 206 -4.37 -6.25 9.14
N LEU A 207 -5.57 -6.56 8.65
CA LEU A 207 -6.76 -5.84 9.02
C LEU A 207 -7.73 -6.86 9.58
N VAL A 208 -7.81 -6.93 10.90
CA VAL A 208 -8.66 -7.91 11.57
C VAL A 208 -9.96 -7.35 12.16
N HIS A 209 -10.81 -8.24 12.66
CA HIS A 209 -12.05 -7.79 13.30
C HIS A 209 -11.77 -7.38 14.72
N ARG A 210 -12.71 -6.64 15.29
CA ARG A 210 -12.60 -6.12 16.64
C ARG A 210 -12.65 -7.17 17.79
N GLN A 211 -13.66 -8.06 17.79
CA GLN A 211 -13.81 -9.03 18.84
C GLN A 211 -12.72 -10.06 18.78
N TRP A 212 -12.35 -10.42 17.57
CA TRP A 212 -11.30 -11.41 17.37
C TRP A 212 -10.02 -10.88 17.99
N PHE A 213 -9.77 -9.60 17.77
CA PHE A 213 -8.57 -8.92 18.26
C PHE A 213 -8.59 -8.77 19.77
N LEU A 214 -9.77 -8.49 20.30
CA LEU A 214 -9.93 -8.29 21.73
C LEU A 214 -10.01 -9.61 22.49
N ASP A 215 -10.37 -10.68 21.78
CA ASP A 215 -10.45 -11.98 22.42
C ASP A 215 -9.09 -12.65 22.49
N LEU A 216 -8.10 -11.98 21.92
CA LEU A 216 -6.75 -12.51 21.94
C LEU A 216 -6.34 -12.84 23.36
N PRO A 217 -5.93 -14.10 23.58
CA PRO A 217 -5.48 -14.68 24.85
C PRO A 217 -4.05 -14.30 25.15
N LEU A 218 -3.80 -13.01 25.30
CA LEU A 218 -2.46 -12.55 25.56
C LEU A 218 -2.43 -11.40 26.53
N PRO A 219 -1.24 -11.11 27.09
CA PRO A 219 -1.13 -10.01 28.03
C PRO A 219 -1.34 -8.73 27.21
N TRP A 220 -1.90 -7.70 27.85
CA TRP A 220 -2.13 -6.46 27.13
C TRP A 220 -2.19 -5.20 27.97
N LEU A 221 -1.93 -4.09 27.27
CA LEU A 221 -1.96 -2.75 27.83
C LEU A 221 -3.05 -2.00 27.10
N PRO A 222 -3.81 -1.16 27.87
CA PRO A 222 -4.86 -0.32 27.26
C PRO A 222 -4.36 0.50 26.04
N GLY A 223 -5.24 0.86 25.12
CA GLY A 223 -4.78 1.66 24.02
C GLY A 223 -4.31 2.97 24.62
N ALA A 224 -4.96 3.34 25.73
CA ALA A 224 -4.65 4.54 26.47
C ALA A 224 -4.12 4.16 27.86
N GLY A 228 5.20 -0.44 30.89
CA GLY A 228 3.88 0.12 30.62
C GLY A 228 3.11 0.13 31.92
N SER A 229 1.85 0.53 31.91
CA SER A 229 1.15 0.50 33.18
C SER A 229 0.68 -0.90 33.53
N ASN A 230 1.61 -1.84 33.73
CA ASN A 230 1.10 -3.11 34.19
C ASN A 230 0.25 -3.83 33.18
N TRP A 231 0.85 -4.85 32.60
CA TRP A 231 0.17 -5.67 31.64
C TRP A 231 -0.98 -6.36 32.32
N ILE A 232 -2.02 -6.64 31.53
CA ILE A 232 -3.19 -7.28 32.03
C ILE A 232 -3.17 -8.70 31.49
N GLN A 233 -3.64 -9.63 32.33
CA GLN A 233 -3.71 -11.04 31.98
C GLN A 233 -2.38 -11.70 31.65
N LYS A 234 -1.38 -11.42 32.46
CA LYS A 234 -0.05 -11.97 32.30
C LYS A 234 -0.01 -13.50 32.41
N GLU A 235 -0.90 -14.05 33.21
CA GLU A 235 -0.95 -15.49 33.41
C GLU A 235 -1.08 -16.26 32.11
N THR A 236 -1.64 -15.60 31.10
CA THR A 236 -1.83 -16.25 29.83
C THR A 236 -0.49 -16.76 29.37
N LEU A 237 0.59 -16.09 29.78
CA LEU A 237 1.94 -16.49 29.38
C LEU A 237 2.81 -17.00 30.51
N VAL A 238 2.21 -17.24 31.67
CA VAL A 238 2.97 -17.67 32.82
C VAL A 238 2.39 -18.97 33.36
N THR A 239 3.28 -19.84 33.84
CA THR A 239 2.86 -21.12 34.41
C THR A 239 3.58 -21.47 35.71
N PHE A 240 2.84 -22.02 36.66
CA PHE A 240 3.41 -22.43 37.94
C PHE A 240 3.35 -23.93 38.10
N LYS A 241 4.37 -24.50 38.73
CA LYS A 241 4.42 -25.94 38.91
C LYS A 241 4.97 -26.33 40.27
N ASN A 242 4.34 -27.34 40.87
CA ASN A 242 4.72 -27.86 42.18
C ASN A 242 4.37 -29.36 42.16
N PRO A 243 5.09 -30.15 41.36
CA PRO A 243 4.87 -31.59 41.24
C PRO A 243 4.97 -32.45 42.50
N HIS A 244 6.02 -32.28 43.29
CA HIS A 244 6.20 -33.12 44.46
C HIS A 244 6.08 -32.43 45.79
N ALA A 245 5.40 -31.31 45.85
CA ALA A 245 5.23 -30.59 47.11
C ALA A 245 6.59 -30.24 47.73
N LYS A 246 7.56 -29.88 46.91
CA LYS A 246 8.90 -29.55 47.40
C LYS A 246 9.25 -28.09 47.23
N LYS A 247 8.81 -27.53 46.12
CA LYS A 247 9.07 -26.14 45.80
C LYS A 247 8.22 -25.85 44.59
N GLN A 248 7.94 -24.58 44.36
CA GLN A 248 7.14 -24.20 43.23
C GLN A 248 7.93 -23.35 42.24
N ASP A 249 7.91 -23.76 40.99
CA ASP A 249 8.60 -23.04 39.94
C ASP A 249 7.61 -22.31 39.03
N VAL A 250 8.09 -21.27 38.38
CA VAL A 250 7.29 -20.49 37.46
C VAL A 250 8.05 -20.43 36.15
N VAL A 251 7.32 -20.34 35.05
CA VAL A 251 7.96 -20.25 33.75
C VAL A 251 7.05 -19.59 32.75
N VAL A 252 7.67 -18.91 31.79
CA VAL A 252 6.95 -18.22 30.73
C VAL A 252 6.62 -19.23 29.63
N LEU A 253 5.98 -18.77 28.55
CA LEU A 253 5.60 -19.66 27.49
C LEU A 253 6.33 -19.49 26.16
N GLY A 254 7.08 -18.42 26.02
CA GLY A 254 7.78 -18.31 24.75
C GLY A 254 6.96 -17.66 23.66
N SER A 255 7.69 -16.92 22.83
CA SER A 255 7.13 -16.19 21.72
C SER A 255 5.93 -16.83 21.06
N GLN A 256 4.89 -16.02 20.99
CA GLN A 256 3.63 -16.39 20.36
C GLN A 256 3.65 -15.71 19.00
N GLU A 257 4.82 -15.29 18.53
CA GLU A 257 4.91 -14.62 17.24
C GLU A 257 4.46 -15.55 16.13
N GLY A 258 5.11 -16.71 16.01
CA GLY A 258 4.76 -17.67 14.99
C GLY A 258 3.33 -18.10 15.19
N ALA A 259 2.90 -18.22 16.44
CA ALA A 259 1.53 -18.61 16.71
C ALA A 259 0.58 -17.59 16.09
N MET A 260 0.81 -16.31 16.35
CA MET A 260 -0.05 -15.28 15.78
C MET A 260 -0.15 -15.38 14.25
N HIS A 261 0.98 -15.40 13.57
CA HIS A 261 1.01 -15.48 12.12
C HIS A 261 0.12 -16.59 11.63
N THR A 262 0.17 -17.72 12.32
CA THR A 262 -0.67 -18.85 11.93
C THR A 262 -2.13 -18.45 11.99
N ALA A 263 -2.50 -17.75 13.05
CA ALA A 263 -3.87 -17.31 13.24
C ALA A 263 -4.25 -16.25 12.23
N LEU A 264 -3.25 -15.54 11.72
CA LEU A 264 -3.53 -14.52 10.71
C LEU A 264 -3.45 -15.08 9.33
N THR A 265 -3.49 -16.41 9.18
CA THR A 265 -3.36 -17.03 7.88
C THR A 265 -4.01 -16.25 6.75
N GLY A 266 -3.10 -15.67 5.97
CA GLY A 266 -3.40 -14.86 4.81
C GLY A 266 -4.56 -13.89 4.91
N ALA A 267 -5.02 -13.60 6.12
CA ALA A 267 -6.13 -12.68 6.30
C ALA A 267 -5.87 -11.40 5.51
N THR A 268 -6.68 -10.38 5.73
CA THR A 268 -6.41 -9.21 4.97
C THR A 268 -5.06 -8.60 5.35
N GLU A 269 -3.99 -9.10 4.73
CA GLU A 269 -2.68 -8.51 4.98
C GLU A 269 -2.53 -7.14 4.32
N ILE A 270 -1.68 -6.30 4.88
CA ILE A 270 -1.50 -4.93 4.37
C ILE A 270 -0.02 -4.52 4.44
N GLN A 271 0.66 -5.28 5.28
CA GLN A 271 2.06 -5.22 5.74
C GLN A 271 3.06 -4.27 5.18
N MET A 272 3.20 -3.96 3.90
CA MET A 272 4.44 -3.24 3.80
C MET A 272 4.92 -2.86 2.44
N SER A 273 4.50 -1.74 1.90
CA SER A 273 5.11 -1.45 0.65
C SER A 273 6.06 -0.32 0.96
N SER A 274 7.25 -0.75 1.38
CA SER A 274 8.39 0.10 1.75
C SER A 274 8.18 0.77 3.11
N GLY A 275 7.75 -0.01 4.09
CA GLY A 275 7.51 0.53 5.43
C GLY A 275 6.28 1.41 5.40
N ASN A 276 5.44 1.09 4.43
CA ASN A 276 4.26 1.81 4.08
C ASN A 276 3.04 0.93 3.86
N LEU A 277 1.87 1.54 3.92
CA LEU A 277 0.62 0.83 3.75
C LEU A 277 0.26 0.43 2.34
N LEU A 278 -0.51 -0.65 2.26
CA LEU A 278 -1.02 -1.19 1.02
C LEU A 278 -2.54 -1.07 1.25
N PHE A 279 -3.09 0.10 0.94
CA PHE A 279 -4.53 0.36 1.11
C PHE A 279 -5.38 -0.75 0.52
N THR A 280 -6.31 -1.26 1.33
CA THR A 280 -7.21 -2.36 1.00
C THR A 280 -8.18 -2.30 -0.18
N GLY A 281 -8.89 -1.21 -0.35
CA GLY A 281 -9.80 -1.19 -1.45
C GLY A 281 -10.34 0.13 -1.94
N HIS A 282 -10.05 0.45 -3.19
CA HIS A 282 -10.59 1.67 -3.79
C HIS A 282 -10.03 3.05 -3.54
N LEU A 283 -10.77 3.99 -4.13
CA LEU A 283 -10.54 5.43 -4.08
C LEU A 283 -11.21 5.91 -5.36
N LYS A 284 -12.47 6.32 -5.24
CA LYS A 284 -13.24 6.83 -6.36
C LYS A 284 -13.03 8.32 -6.48
N CYS A 285 -12.64 8.76 -7.66
CA CYS A 285 -12.37 10.18 -7.83
C CYS A 285 -13.11 10.80 -9.00
N ARG A 286 -13.16 12.12 -8.98
CA ARG A 286 -13.77 12.88 -10.06
C ARG A 286 -12.76 13.94 -10.47
N LEU A 287 -12.44 13.97 -11.77
CA LEU A 287 -11.46 14.93 -12.31
C LEU A 287 -12.12 15.94 -13.21
N ARG A 288 -11.67 17.19 -13.11
CA ARG A 288 -12.19 18.26 -13.95
C ARG A 288 -10.97 18.81 -14.72
N MET A 289 -11.06 18.81 -16.05
CA MET A 289 -9.94 19.23 -16.90
C MET A 289 -10.04 20.61 -17.56
N ASP A 290 -11.22 21.20 -17.50
CA ASP A 290 -11.48 22.52 -18.10
C ASP A 290 -10.32 23.49 -18.07
N LYS A 291 -9.54 23.45 -17.00
CA LYS A 291 -8.40 24.33 -16.87
C LYS A 291 -7.12 23.75 -17.45
N LEU A 292 -7.27 22.67 -18.20
CA LEU A 292 -6.15 22.00 -18.86
C LEU A 292 -6.21 22.24 -20.36
N GLN A 293 -5.07 22.10 -21.02
CA GLN A 293 -5.01 22.29 -22.45
C GLN A 293 -3.87 21.52 -23.10
N LEU A 294 -4.11 21.10 -24.33
CA LEU A 294 -3.13 20.38 -25.12
C LEU A 294 -1.89 21.24 -25.25
N LYS A 295 -0.78 20.61 -25.53
CA LYS A 295 0.49 21.29 -25.63
C LYS A 295 1.00 21.38 -27.07
N GLY A 296 1.20 22.59 -27.55
CA GLY A 296 1.69 22.77 -28.90
C GLY A 296 0.63 22.70 -29.98
N MET A 297 -0.47 23.44 -29.79
CA MET A 297 -1.53 23.48 -30.78
C MET A 297 -1.38 24.79 -31.54
N SER A 298 -0.24 24.94 -32.16
CA SER A 298 0.06 26.12 -32.92
C SER A 298 1.18 25.59 -33.73
N TYR A 299 1.85 24.59 -33.18
CA TYR A 299 2.97 24.02 -33.87
C TYR A 299 2.69 23.64 -35.31
N SER A 300 3.78 23.67 -36.05
CA SER A 300 3.77 23.37 -37.45
C SER A 300 3.71 21.89 -37.62
N MET A 301 3.28 21.47 -38.80
CA MET A 301 3.22 20.04 -39.07
C MET A 301 4.67 19.67 -39.33
N CYS A 302 5.16 18.50 -38.88
CA CYS A 302 6.55 18.21 -39.17
C CYS A 302 6.57 17.79 -40.62
N THR A 303 7.49 18.40 -41.37
CA THR A 303 7.59 18.12 -42.80
C THR A 303 8.72 17.16 -43.14
N GLY A 304 9.72 17.09 -42.26
CA GLY A 304 10.85 16.20 -42.47
C GLY A 304 10.50 14.75 -42.28
N LYS A 305 11.49 13.85 -42.40
CA LYS A 305 11.21 12.43 -42.20
C LYS A 305 11.61 11.90 -40.85
N PHE A 306 10.98 10.78 -40.50
CA PHE A 306 11.21 10.10 -39.24
C PHE A 306 11.91 8.78 -39.45
N LYS A 307 12.41 8.25 -38.34
CA LYS A 307 13.10 6.98 -38.35
C LYS A 307 12.68 6.24 -37.09
N VAL A 308 12.33 4.96 -37.26
CA VAL A 308 11.92 4.17 -36.11
C VAL A 308 13.11 3.82 -35.26
N VAL A 309 13.19 4.46 -34.10
CA VAL A 309 14.26 4.27 -33.15
C VAL A 309 13.99 3.03 -32.30
N LYS A 310 12.74 2.79 -31.91
CA LYS A 310 12.51 1.57 -31.16
C LYS A 310 11.77 0.57 -32.05
N GLU A 311 10.57 0.17 -31.71
CA GLU A 311 9.93 -0.80 -32.59
C GLU A 311 8.52 -1.06 -32.10
N ILE A 312 7.54 -0.80 -32.96
CA ILE A 312 6.16 -1.03 -32.60
C ILE A 312 6.09 -2.29 -31.76
N ALA A 313 5.60 -2.13 -30.54
CA ALA A 313 5.48 -3.25 -29.60
C ALA A 313 4.10 -3.17 -28.98
N GLU A 314 3.37 -4.27 -29.02
CA GLU A 314 2.02 -4.30 -28.48
C GLU A 314 1.98 -4.44 -26.95
N THR A 315 1.03 -3.71 -26.35
CA THR A 315 0.80 -3.73 -24.89
C THR A 315 -0.26 -4.77 -24.62
N GLN A 316 -0.43 -5.11 -23.35
CA GLN A 316 -1.40 -6.12 -23.00
C GLN A 316 -2.82 -5.75 -23.34
N HIS A 317 -3.08 -4.51 -23.73
CA HIS A 317 -4.46 -4.12 -24.02
C HIS A 317 -4.80 -3.80 -25.45
N GLY A 318 -3.99 -4.30 -26.37
CA GLY A 318 -4.25 -4.07 -27.76
C GLY A 318 -3.76 -2.74 -28.27
N THR A 319 -3.01 -2.00 -27.46
CA THR A 319 -2.47 -0.75 -27.98
C THR A 319 -1.06 -1.07 -28.48
N ILE A 320 -0.47 -0.17 -29.25
CA ILE A 320 0.90 -0.35 -29.75
C ILE A 320 1.69 0.87 -29.31
N VAL A 321 2.98 0.69 -29.09
CA VAL A 321 3.84 1.80 -28.69
C VAL A 321 5.01 1.82 -29.68
N ILE A 322 5.32 3.01 -30.21
CA ILE A 322 6.41 3.17 -31.15
C ILE A 322 7.26 4.36 -30.71
N ARG A 323 8.55 4.33 -31.06
CA ARG A 323 9.41 5.45 -30.73
C ARG A 323 10.13 5.83 -31.98
N VAL A 324 9.90 7.05 -32.41
CA VAL A 324 10.52 7.55 -33.63
C VAL A 324 11.44 8.70 -33.34
N GLN A 325 12.25 9.04 -34.35
CA GLN A 325 13.15 10.16 -34.21
C GLN A 325 12.95 11.02 -35.44
N TYR A 326 12.85 12.32 -35.24
CA TYR A 326 12.66 13.29 -36.31
C TYR A 326 13.98 13.76 -36.85
N GLU A 327 14.11 13.71 -38.17
CA GLU A 327 15.33 14.16 -38.80
C GLU A 327 15.09 15.37 -39.69
N GLY A 328 13.86 15.87 -39.68
CA GLY A 328 13.55 17.03 -40.49
C GLY A 328 14.14 18.28 -39.88
N ASP A 329 13.80 19.43 -40.44
CA ASP A 329 14.32 20.72 -39.96
C ASP A 329 13.23 21.71 -39.53
N GLY A 330 12.16 21.23 -38.89
CA GLY A 330 11.11 22.15 -38.48
C GLY A 330 10.87 22.38 -36.99
N SER A 331 11.27 21.43 -36.16
CA SER A 331 11.10 21.47 -34.70
C SER A 331 11.11 22.87 -34.07
N PRO A 332 10.18 23.16 -33.14
CA PRO A 332 9.12 22.30 -32.60
C PRO A 332 8.01 22.11 -33.62
N CYS A 333 7.48 20.90 -33.72
CA CYS A 333 6.41 20.63 -34.67
C CYS A 333 5.57 19.40 -34.31
N LYS A 334 4.36 19.32 -34.88
CA LYS A 334 3.44 18.22 -34.62
C LYS A 334 3.86 17.04 -35.48
N ILE A 335 3.63 15.83 -35.00
CA ILE A 335 3.98 14.64 -35.77
C ILE A 335 2.79 14.11 -36.57
N PRO A 336 2.90 14.08 -37.91
CA PRO A 336 1.80 13.58 -38.76
C PRO A 336 1.63 12.09 -38.47
N PHE A 337 0.54 11.75 -37.81
CA PHE A 337 0.29 10.36 -37.42
C PHE A 337 -1.12 9.93 -37.79
N GLU A 338 -1.23 8.83 -38.53
CA GLU A 338 -2.52 8.31 -38.91
C GLU A 338 -2.48 6.82 -39.15
N ILE A 339 -3.53 6.12 -38.74
CA ILE A 339 -3.62 4.69 -38.92
C ILE A 339 -4.68 4.48 -40.00
N MET A 340 -4.32 3.74 -41.04
CA MET A 340 -5.21 3.51 -42.17
C MET A 340 -5.49 2.02 -42.33
N ASP A 341 -6.36 1.72 -43.27
CA ASP A 341 -6.77 0.34 -43.54
C ASP A 341 -5.93 -0.15 -44.70
N LEU A 342 -6.29 -1.32 -45.23
CA LEU A 342 -5.60 -1.88 -46.38
C LEU A 342 -5.81 -1.24 -47.78
N GLU A 343 -6.98 -0.67 -48.14
CA GLU A 343 -7.09 0.00 -49.46
C GLU A 343 -6.59 1.43 -49.38
N LYS A 344 -5.62 1.63 -48.51
CA LYS A 344 -5.02 2.96 -48.34
C LYS A 344 -5.99 4.11 -48.59
N ARG A 345 -6.92 4.28 -47.64
CA ARG A 345 -7.88 5.37 -47.59
C ARG A 345 -9.14 5.11 -46.79
N HIS A 346 -9.02 5.44 -45.50
CA HIS A 346 -10.06 5.33 -44.47
C HIS A 346 -9.41 5.11 -43.09
N VAL A 347 -9.21 6.19 -42.33
CA VAL A 347 -8.59 6.14 -41.00
C VAL A 347 -9.32 5.23 -40.01
N LEU A 348 -8.61 4.22 -39.48
CA LEU A 348 -9.16 3.20 -38.61
C LEU A 348 -8.70 3.21 -37.16
N GLY A 349 -7.80 4.11 -36.78
CA GLY A 349 -7.34 4.05 -35.41
C GLY A 349 -7.12 5.37 -34.72
N ARG A 350 -7.35 5.34 -33.41
CA ARG A 350 -7.19 6.50 -32.56
C ARG A 350 -5.87 6.53 -31.81
N LEU A 351 -5.41 7.74 -31.52
CA LEU A 351 -4.18 7.93 -30.76
C LEU A 351 -4.48 7.96 -29.28
N ILE A 352 -3.62 7.33 -28.49
CA ILE A 352 -3.80 7.38 -27.05
C ILE A 352 -2.92 8.57 -26.61
N THR A 353 -1.71 8.63 -27.17
CA THR A 353 -0.79 9.71 -26.88
C THR A 353 -1.22 10.78 -27.85
N VAL A 354 -2.22 11.56 -27.47
CA VAL A 354 -2.72 12.60 -28.37
C VAL A 354 -1.78 13.79 -28.60
N ASN A 355 -1.88 14.33 -29.81
CA ASN A 355 -1.11 15.49 -30.24
C ASN A 355 0.40 15.28 -30.12
N PRO A 356 0.93 14.24 -30.76
CA PRO A 356 2.36 13.93 -30.73
C PRO A 356 3.18 15.08 -31.33
N ILE A 357 4.20 15.55 -30.63
CA ILE A 357 5.03 16.64 -31.14
C ILE A 357 6.53 16.40 -30.96
N VAL A 358 7.33 16.91 -31.89
CA VAL A 358 8.78 16.79 -31.76
C VAL A 358 9.22 18.04 -31.03
N THR A 359 10.07 17.87 -30.02
CA THR A 359 10.51 19.01 -29.24
C THR A 359 11.98 19.36 -29.51
N GLU A 360 12.77 18.34 -29.86
CA GLU A 360 14.18 18.52 -30.16
C GLU A 360 14.60 17.46 -31.19
N LYS A 361 15.32 17.92 -32.21
CA LYS A 361 15.81 17.08 -33.29
C LYS A 361 16.18 15.68 -32.80
N ASP A 362 17.21 15.63 -31.95
CA ASP A 362 17.71 14.37 -31.45
C ASP A 362 17.13 13.84 -30.14
N SER A 363 15.83 14.05 -29.89
CA SER A 363 15.23 13.50 -28.68
C SER A 363 14.01 12.70 -29.16
N PRO A 364 14.11 11.36 -29.17
CA PRO A 364 13.02 10.50 -29.62
C PRO A 364 11.68 10.85 -29.00
N VAL A 365 10.62 10.37 -29.64
CA VAL A 365 9.26 10.60 -29.14
C VAL A 365 8.46 9.31 -29.13
N ASN A 366 7.90 8.97 -27.96
CA ASN A 366 7.09 7.77 -27.88
C ASN A 366 5.60 8.09 -28.10
N ILE A 367 4.96 7.24 -28.89
CA ILE A 367 3.55 7.38 -29.22
C ILE A 367 2.80 6.07 -29.03
N GLU A 368 1.69 6.14 -28.31
CA GLU A 368 0.87 4.97 -28.07
C GLU A 368 -0.39 5.17 -28.89
N ALA A 369 -0.78 4.15 -29.62
CA ALA A 369 -1.97 4.27 -30.42
C ALA A 369 -2.76 3.00 -30.33
N GLU A 370 -4.04 3.10 -30.64
CA GLU A 370 -4.92 1.96 -30.61
C GLU A 370 -5.32 1.66 -32.05
N PRO A 371 -4.67 0.66 -32.65
CA PRO A 371 -4.94 0.24 -34.02
C PRO A 371 -6.18 -0.68 -34.06
N PRO A 372 -6.87 -0.72 -35.19
CA PRO A 372 -8.05 -1.58 -35.25
C PRO A 372 -7.61 -3.04 -35.18
N PHE A 373 -8.58 -3.96 -35.11
CA PHE A 373 -8.26 -5.36 -35.08
C PHE A 373 -7.84 -5.83 -36.43
N GLY A 374 -6.84 -6.70 -36.48
CA GLY A 374 -6.37 -7.18 -37.75
C GLY A 374 -5.37 -6.24 -38.42
N ASP A 375 -5.36 -6.31 -39.76
CA ASP A 375 -4.47 -5.53 -40.61
C ASP A 375 -4.72 -4.05 -40.65
N SER A 376 -3.68 -3.29 -40.38
CA SER A 376 -3.77 -1.85 -40.41
C SER A 376 -2.46 -1.26 -40.91
N TYR A 377 -2.42 0.07 -40.97
CA TYR A 377 -1.24 0.82 -41.37
C TYR A 377 -0.89 1.92 -40.40
N ILE A 378 0.39 2.06 -40.16
CA ILE A 378 0.88 3.09 -39.28
C ILE A 378 1.73 3.97 -40.18
N ILE A 379 1.16 5.12 -40.53
CA ILE A 379 1.79 6.09 -41.40
C ILE A 379 2.34 7.20 -40.53
N ILE A 380 3.66 7.36 -40.52
CA ILE A 380 4.29 8.40 -39.74
C ILE A 380 4.88 9.43 -40.72
N GLY A 381 4.63 10.70 -40.43
CA GLY A 381 5.16 11.74 -41.30
C GLY A 381 4.44 11.86 -42.62
N VAL A 382 4.93 12.77 -43.45
CA VAL A 382 4.33 13.00 -44.75
C VAL A 382 5.39 12.73 -45.79
N GLU A 383 4.94 12.36 -46.99
CA GLU A 383 5.83 12.09 -48.10
C GLU A 383 6.58 13.41 -48.32
N PRO A 384 7.86 13.34 -48.73
CA PRO A 384 8.76 12.21 -49.05
C PRO A 384 8.72 10.83 -48.35
N GLY A 385 9.84 10.50 -47.70
CA GLY A 385 10.04 9.23 -47.03
C GLY A 385 9.12 8.91 -45.88
N GLN A 386 7.83 9.08 -46.13
CA GLN A 386 6.83 8.83 -45.13
C GLN A 386 6.89 7.36 -44.70
N LEU A 387 6.92 7.13 -43.39
CA LEU A 387 6.94 5.77 -42.85
C LEU A 387 5.56 5.09 -42.97
N LYS A 388 5.54 3.88 -43.51
CA LYS A 388 4.31 3.10 -43.67
C LYS A 388 4.59 1.74 -43.03
N LEU A 389 4.12 1.55 -41.81
CA LEU A 389 4.41 0.31 -41.12
C LEU A 389 3.22 -0.62 -41.08
N ASP A 390 3.47 -1.91 -41.27
CA ASP A 390 2.42 -2.93 -41.24
C ASP A 390 2.16 -3.38 -39.84
N TRP A 391 0.89 -3.62 -39.53
CA TRP A 391 0.53 -4.11 -38.23
C TRP A 391 -0.64 -5.05 -38.30
N PHE A 392 -0.61 -6.10 -37.49
CA PHE A 392 -1.71 -7.03 -37.45
C PHE A 392 -2.11 -7.07 -35.99
N LYS A 393 -3.40 -6.96 -35.72
CA LYS A 393 -3.84 -6.98 -34.35
C LYS A 393 -4.40 -8.28 -33.88
N LYS A 394 -3.91 -8.67 -32.71
CA LYS A 394 -4.26 -9.92 -32.03
C LYS A 394 -5.73 -10.27 -31.86
N GLY A 395 -6.07 -11.47 -32.32
CA GLY A 395 -7.41 -11.99 -32.13
C GLY A 395 -8.49 -11.67 -33.15
C1 NDG B . 17.71 -8.48 40.31
C2 NDG B . 18.79 -8.09 41.29
C3 NDG B . 19.98 -7.63 40.46
C4 NDG B . 20.40 -8.72 39.45
C5 NDG B . 19.19 -9.25 38.64
C6 NDG B . 19.52 -10.48 37.81
C7 NDG B . 17.22 -7.25 42.92
C8 NDG B . 16.47 -6.03 43.41
O5 NDG B . 18.13 -9.60 39.53
O3 NDG B . 21.06 -7.33 41.31
O4 NDG B . 21.36 -8.20 38.55
O6 NDG B . 19.49 -11.67 38.59
O7 NDG B . 16.82 -8.38 43.23
N2 NDG B . 18.29 -7.04 42.15
O1 NDG B . 17.48 -7.42 39.45
C1 NDG C . 13.92 6.51 -15.94
C2 NDG C . 14.89 6.13 -17.02
C3 NDG C . 16.28 6.58 -16.58
C4 NDG C . 16.29 8.08 -16.13
C5 NDG C . 15.05 8.52 -15.32
C6 NDG C . 14.84 10.03 -15.31
C7 NDG C . 13.76 4.15 -17.82
C8 NDG C . 12.83 3.35 -16.93
O5 NDG C . 13.84 7.94 -15.85
O3 NDG C . 17.19 6.41 -17.66
O4 NDG C . 17.44 8.30 -15.31
O6 NDG C . 13.93 10.45 -16.30
O7 NDG C . 13.50 4.28 -19.01
N2 NDG C . 14.84 4.70 -17.25
O1 NDG C . 14.33 6.00 -14.71
#